data_6QMS
#
_entry.id   6QMS
#
_cell.length_a   48.950
_cell.length_b   49.760
_cell.length_c   74.500
_cell.angle_alpha   90.000
_cell.angle_beta   90.000
_cell.angle_gamma   90.000
#
_symmetry.space_group_name_H-M   'P 21 21 21'
#
loop_
_entity.id
_entity.type
_entity.pdbx_description
1 polymer 'Nuclear transcription factor Y subunit alpha'
2 polymer 'Nuclear transcription factor Y subunit beta'
3 polymer 'Nuclear transcription factor Y subunit gamma'
4 water water
#
loop_
_entity_poly.entity_id
_entity_poly.type
_entity_poly.pdbx_seq_one_letter_code
_entity_poly.pdbx_strand_id
1 'polypeptide(L)' (ACE)VNAKQY(L4R)RILKRR(MH8)ARAKL(NH2) A
2 'polypeptide(L)'
;GPSFREQDIYLPIANVARIMKNAIPQTGKIAKDAKECVQECVSEFISFITSEASERCHQEKRKTINGEDILFAMSTLGFD
SYVEPLKLYLQKFRE
;
B
3 'polypeptide(L)'
;GPMEEIRNLTVKDFRVQELPLARIKKIMKLDEDVKMISAEAPVLFAKAAQIFITELTLRAWIHTEDNKRRTLQRNDIAMA
ITKFDQFDFLIDIVPR
;
C
#
loop_
_chem_comp.id
_chem_comp.type
_chem_comp.name
_chem_comp.formula
ACE non-polymer 'ACETYL GROUP' 'C2 H4 O'
NH2 non-polymer 'AMINO GROUP' 'H2 N'
#
# COMPACT_ATOMS: atom_id res chain seq x y z
C ACE A 1 -4.10 2.31 -20.24
O ACE A 1 -4.44 2.67 -21.32
CH3 ACE A 1 -4.95 2.60 -19.02
N VAL A 2 -2.95 1.65 -20.10
CA VAL A 2 -2.39 1.26 -18.77
C VAL A 2 -1.86 2.47 -18.00
N ASN A 3 -1.50 2.24 -16.73
CA ASN A 3 -0.75 3.19 -15.93
C ASN A 3 0.74 3.04 -16.25
N ALA A 4 1.26 3.94 -17.09
CA ALA A 4 2.63 3.86 -17.57
C ALA A 4 3.65 3.76 -16.43
N LYS A 5 3.38 4.47 -15.34
CA LYS A 5 4.31 4.50 -14.20
C LYS A 5 4.38 3.15 -13.48
N GLN A 6 3.28 2.40 -13.51
CA GLN A 6 3.11 1.18 -12.75
C GLN A 6 3.21 -0.11 -13.57
N TYR A 7 2.99 -0.03 -14.89
CA TYR A 7 2.67 -1.24 -15.69
C TYR A 7 3.81 -2.26 -15.63
O L4R A 8 6.28 -4.71 -14.38
C L4R A 8 6.17 -3.49 -14.42
CA L4R A 8 6.21 -2.74 -15.75
CB1 L4R A 8 7.51 -1.93 -15.78
N L4R A 8 5.06 -1.83 -15.85
CB L4R A 8 6.20 -3.74 -16.93
CG L4R A 8 7.45 -4.57 -17.16
CD L4R A 8 7.21 -5.91 -17.83
CE L4R A 8 8.49 -6.60 -18.21
CF L4R A 8 8.40 -7.99 -18.78
CH L4R A 8 7.21 -8.82 -18.39
N ARG A 9 6.02 -2.74 -13.31
CA ARG A 9 6.07 -3.33 -11.98
C ARG A 9 4.85 -4.25 -11.77
N ILE A 10 3.67 -3.85 -12.23
CA ILE A 10 2.49 -4.73 -12.15
C ILE A 10 2.78 -6.11 -12.77
N LEU A 11 3.32 -6.11 -13.99
CA LEU A 11 3.62 -7.37 -14.68
C LEU A 11 4.75 -8.15 -14.01
N LYS A 12 5.77 -7.45 -13.50
CA LYS A 12 6.83 -8.12 -12.75
C LYS A 12 6.26 -8.78 -11.49
N ARG A 13 5.32 -8.11 -10.84
CA ARG A 13 4.69 -8.64 -9.58
C ARG A 13 3.87 -9.88 -9.97
N ARG A 14 3.14 -9.78 -11.08
CA ARG A 14 2.28 -10.87 -11.60
C ARG A 14 3.14 -12.10 -11.87
N MH8 A 15 4.21 -11.93 -12.65
CA MH8 A 15 5.16 -13.01 -12.90
CB1 MH8 A 15 4.52 -14.08 -13.77
CB2 MH8 A 15 6.43 -12.49 -13.59
CG MH8 A 15 6.31 -12.09 -15.05
CD MH8 A 15 7.55 -11.49 -15.59
CE MH8 A 15 7.39 -10.81 -16.90
CZ MH8 A 15 7.36 -9.52 -17.07
C MH8 A 15 5.63 -13.64 -11.58
O MH8 A 15 5.74 -14.86 -11.46
N ALA A 16 5.93 -12.79 -10.59
CA ALA A 16 6.54 -13.25 -9.36
C ALA A 16 5.57 -14.18 -8.63
N ARG A 17 4.29 -13.77 -8.57
CA ARG A 17 3.17 -14.59 -8.06
C ARG A 17 2.94 -15.74 -9.03
N ALA A 18 3.88 -16.68 -9.10
CA ALA A 18 3.81 -17.85 -9.98
C ALA A 18 5.10 -18.62 -9.92
N ILE B 9 1.38 -12.54 7.09
CA ILE B 9 1.45 -11.91 5.72
C ILE B 9 0.64 -10.63 5.59
N TYR B 10 -0.20 -10.32 6.58
CA TYR B 10 -1.11 -9.13 6.54
C TYR B 10 -0.93 -8.29 7.80
N LEU B 11 -1.21 -7.00 7.69
CA LEU B 11 -1.30 -6.15 8.85
C LEU B 11 -2.50 -6.60 9.65
N PRO B 12 -2.50 -6.39 10.99
CA PRO B 12 -3.64 -6.77 11.83
C PRO B 12 -4.97 -6.21 11.33
N ILE B 13 -5.99 -7.07 11.30
CA ILE B 13 -7.32 -6.70 10.84
C ILE B 13 -7.87 -5.53 11.67
N ALA B 14 -7.57 -5.50 12.98
CA ALA B 14 -8.09 -4.48 13.89
C ALA B 14 -7.56 -3.10 13.54
N ASN B 15 -6.28 -3.04 13.16
CA ASN B 15 -5.62 -1.78 12.79
C ASN B 15 -6.14 -1.24 11.48
N VAL B 16 -6.21 -2.12 10.47
CA VAL B 16 -6.80 -1.83 9.18
C VAL B 16 -8.19 -1.25 9.38
N ALA B 17 -9.04 -1.99 10.10
CA ALA B 17 -10.42 -1.61 10.39
C ALA B 17 -10.57 -0.22 11.02
N ARG B 18 -9.67 0.12 11.95
CA ARG B 18 -9.73 1.41 12.67
C ARG B 18 -9.49 2.55 11.66
N ILE B 19 -8.50 2.38 10.79
CA ILE B 19 -8.15 3.39 9.80
C ILE B 19 -9.30 3.55 8.81
N MET B 20 -9.88 2.43 8.37
CA MET B 20 -11.04 2.44 7.48
C MET B 20 -12.21 3.15 8.12
N LYS B 21 -12.44 2.88 9.40
CA LYS B 21 -13.52 3.46 10.18
C LYS B 21 -13.42 4.98 10.23
N ASN B 22 -12.21 5.50 10.45
CA ASN B 22 -11.97 6.94 10.48
C ASN B 22 -12.22 7.63 9.15
N ALA B 23 -12.21 6.86 8.06
CA ALA B 23 -12.46 7.40 6.70
C ALA B 23 -13.92 7.46 6.28
N ILE B 24 -14.83 6.79 7.00
CA ILE B 24 -16.23 6.75 6.60
C ILE B 24 -17.07 7.47 7.64
N PRO B 25 -18.36 7.76 7.35
CA PRO B 25 -19.25 8.37 8.33
C PRO B 25 -19.31 7.56 9.64
N GLN B 26 -19.51 8.23 10.78
CA GLN B 26 -19.47 7.59 12.10
C GLN B 26 -20.49 6.47 12.29
N THR B 27 -21.56 6.49 11.47
CA THR B 27 -22.61 5.47 11.47
C THR B 27 -22.54 4.50 10.29
N GLY B 28 -21.46 4.56 9.50
CA GLY B 28 -21.26 3.67 8.36
C GLY B 28 -20.81 2.31 8.87
N LYS B 29 -20.98 1.28 8.03
CA LYS B 29 -20.57 -0.09 8.38
C LYS B 29 -19.65 -0.69 7.35
N ILE B 30 -18.82 -1.63 7.80
CA ILE B 30 -17.85 -2.30 6.96
C ILE B 30 -17.90 -3.79 7.19
N ALA B 31 -18.14 -4.53 6.11
CA ALA B 31 -18.20 -5.98 6.12
C ALA B 31 -16.82 -6.56 6.41
N LYS B 32 -16.79 -7.70 7.11
CA LYS B 32 -15.52 -8.34 7.43
C LYS B 32 -14.70 -8.66 6.18
N ASP B 33 -15.38 -9.13 5.11
CA ASP B 33 -14.68 -9.42 3.86
C ASP B 33 -14.18 -8.17 3.13
N ALA B 34 -14.76 -7.00 3.45
CA ALA B 34 -14.22 -5.74 2.97
C ALA B 34 -12.89 -5.40 3.69
N LYS B 35 -12.85 -5.65 5.00
CA LYS B 35 -11.65 -5.44 5.80
C LYS B 35 -10.48 -6.35 5.37
N GLU B 36 -10.78 -7.64 5.21
CA GLU B 36 -9.85 -8.59 4.66
C GLU B 36 -9.33 -8.16 3.30
N CYS B 37 -10.23 -7.68 2.43
CA CYS B 37 -9.84 -7.16 1.14
C CYS B 37 -8.77 -6.09 1.32
N VAL B 38 -9.00 -5.17 2.26
CA VAL B 38 -8.09 -4.05 2.48
C VAL B 38 -6.75 -4.56 3.01
N GLN B 39 -6.78 -5.53 3.92
CA GLN B 39 -5.57 -6.22 4.35
C GLN B 39 -4.77 -6.70 3.18
N GLU B 40 -5.42 -7.42 2.25
CA GLU B 40 -4.71 -7.91 1.07
C GLU B 40 -4.16 -6.80 0.20
N CYS B 41 -4.95 -5.74 0.03
CA CYS B 41 -4.53 -4.58 -0.77
C CYS B 41 -3.30 -3.91 -0.16
N VAL B 42 -3.29 -3.77 1.17
CA VAL B 42 -2.18 -3.12 1.85
C VAL B 42 -0.88 -3.88 1.71
N SER B 43 -0.94 -5.21 1.87
CA SER B 43 0.22 -6.02 1.65
C SER B 43 0.75 -5.92 0.23
N GLU B 44 -0.13 -5.87 -0.77
CA GLU B 44 0.33 -5.76 -2.14
C GLU B 44 0.98 -4.40 -2.35
N PHE B 45 0.42 -3.35 -1.74
CA PHE B 45 0.98 -2.00 -1.81
C PHE B 45 2.44 -1.99 -1.32
N ILE B 46 2.65 -2.55 -0.13
CA ILE B 46 3.96 -2.62 0.43
C ILE B 46 4.90 -3.43 -0.48
N SER B 47 4.45 -4.61 -0.92
CA SER B 47 5.28 -5.48 -1.75
C SER B 47 5.57 -4.85 -3.13
N PHE B 48 4.59 -4.13 -3.67
CA PHE B 48 4.68 -3.48 -4.97
C PHE B 48 5.80 -2.41 -4.93
N ILE B 49 5.71 -1.52 -3.95
CA ILE B 49 6.71 -0.46 -3.74
C ILE B 49 8.06 -1.09 -3.41
N THR B 50 8.05 -2.07 -2.51
CA THR B 50 9.29 -2.74 -2.10
C THR B 50 10.02 -3.40 -3.28
N SER B 51 9.26 -4.00 -4.21
CA SER B 51 9.81 -4.68 -5.37
CA SER B 51 9.87 -4.68 -5.34
C SER B 51 10.59 -3.68 -6.24
N GLU B 52 9.97 -2.52 -6.47
CA GLU B 52 10.58 -1.45 -7.26
C GLU B 52 11.89 -1.00 -6.62
N ALA B 53 11.87 -0.77 -5.30
CA ALA B 53 13.06 -0.38 -4.56
C ALA B 53 14.17 -1.43 -4.58
N SER B 54 13.79 -2.69 -4.38
CA SER B 54 14.73 -3.81 -4.35
C SER B 54 15.45 -4.01 -5.69
N GLU B 55 14.71 -3.88 -6.81
CA GLU B 55 15.31 -4.02 -8.11
C GLU B 55 16.37 -2.95 -8.34
N ARG B 56 15.99 -1.68 -8.18
N ARG B 56 16.03 -1.72 -7.96
CA ARG B 56 16.87 -0.52 -8.47
CA ARG B 56 16.92 -0.52 -7.98
C ARG B 56 18.12 -0.61 -7.58
C ARG B 56 18.16 -0.78 -7.11
N CYS B 57 17.92 -1.03 -6.33
N CYS B 57 17.98 -1.11 -5.83
CA CYS B 57 18.98 -1.20 -5.33
CA CYS B 57 19.12 -1.31 -4.94
C CYS B 57 20.02 -2.22 -5.78
C CYS B 57 20.07 -2.38 -5.49
N HIS B 58 19.52 -3.41 -6.12
CA HIS B 58 20.35 -4.49 -6.63
C HIS B 58 21.13 -4.03 -7.86
N GLN B 59 20.46 -3.34 -8.78
CA GLN B 59 21.10 -2.81 -9.99
C GLN B 59 22.25 -1.84 -9.68
N GLU B 60 22.10 -1.08 -8.61
CA GLU B 60 23.12 -0.14 -8.16
C GLU B 60 24.14 -0.82 -7.25
N LYS B 61 23.99 -2.14 -7.10
CA LYS B 61 24.86 -2.99 -6.31
C LYS B 61 24.96 -2.51 -4.88
N ARG B 62 23.84 -2.02 -4.35
CA ARG B 62 23.67 -1.69 -2.91
C ARG B 62 22.94 -2.82 -2.22
N LYS B 63 23.20 -3.03 -0.94
CA LYS B 63 22.66 -4.16 -0.20
C LYS B 63 21.48 -3.81 0.70
N THR B 64 21.22 -2.51 0.86
CA THR B 64 20.20 -1.99 1.79
C THR B 64 19.18 -1.09 1.12
N ILE B 65 17.90 -1.40 1.34
CA ILE B 65 16.81 -0.54 0.93
C ILE B 65 16.58 0.45 2.04
N ASN B 66 16.75 1.73 1.75
CA ASN B 66 16.59 2.76 2.78
C ASN B 66 15.30 3.56 2.57
N GLY B 67 15.00 4.42 3.53
CA GLY B 67 13.77 5.22 3.49
C GLY B 67 13.65 6.03 2.21
N GLU B 68 14.78 6.60 1.80
N GLU B 68 14.78 6.62 1.79
CA GLU B 68 14.90 7.41 0.59
CA GLU B 68 14.85 7.43 0.57
C GLU B 68 14.54 6.57 -0.65
C GLU B 68 14.58 6.58 -0.69
N ASP B 69 15.02 5.31 -0.67
CA ASP B 69 14.68 4.35 -1.71
C ASP B 69 13.20 4.10 -1.84
N ILE B 70 12.51 3.95 -0.71
CA ILE B 70 11.06 3.81 -0.66
C ILE B 70 10.39 5.04 -1.22
N LEU B 71 10.83 6.21 -0.76
CA LEU B 71 10.27 7.46 -1.25
C LEU B 71 10.44 7.58 -2.77
N PHE B 72 11.64 7.27 -3.29
CA PHE B 72 11.88 7.31 -4.73
C PHE B 72 10.97 6.34 -5.52
N ALA B 73 10.83 5.12 -5.02
CA ALA B 73 9.97 4.11 -5.64
C ALA B 73 8.52 4.62 -5.69
N MET B 74 8.07 5.22 -4.58
CA MET B 74 6.74 5.79 -4.54
C MET B 74 6.55 6.85 -5.59
N SER B 75 7.53 7.74 -5.71
CA SER B 75 7.53 8.73 -6.76
C SER B 75 7.47 8.08 -8.16
N THR B 76 8.38 7.15 -8.40
CA THR B 76 8.52 6.46 -9.67
C THR B 76 7.17 5.86 -10.08
N LEU B 77 6.47 5.26 -9.11
CA LEU B 77 5.27 4.47 -9.38
C LEU B 77 3.95 5.25 -9.36
N GLY B 78 4.03 6.57 -9.23
CA GLY B 78 2.86 7.42 -9.31
C GLY B 78 2.16 7.71 -8.00
N PHE B 79 2.87 7.48 -6.89
CA PHE B 79 2.34 7.79 -5.57
C PHE B 79 2.98 9.09 -5.11
N ASP B 80 2.99 10.08 -6.01
CA ASP B 80 3.67 11.35 -5.81
C ASP B 80 3.12 12.07 -4.59
N SER B 81 1.82 11.95 -4.39
CA SER B 81 1.12 12.61 -3.28
C SER B 81 1.61 12.16 -1.90
N TYR B 82 2.26 11.00 -1.81
CA TYR B 82 2.72 10.39 -0.52
C TYR B 82 4.06 10.97 -0.06
N VAL B 83 4.85 11.50 -1.00
CA VAL B 83 6.25 11.80 -0.73
C VAL B 83 6.43 12.89 0.32
N GLU B 84 5.76 14.03 0.16
CA GLU B 84 5.92 15.12 1.12
C GLU B 84 5.47 14.80 2.54
N PRO B 85 4.26 14.22 2.74
CA PRO B 85 3.82 13.83 4.07
C PRO B 85 4.78 12.82 4.71
N LEU B 86 5.27 11.86 3.91
CA LEU B 86 6.26 10.88 4.36
C LEU B 86 7.60 11.49 4.78
N LYS B 87 8.13 12.42 3.98
CA LYS B 87 9.31 13.22 4.36
C LYS B 87 9.11 13.91 5.69
N LEU B 88 7.96 14.58 5.84
CA LEU B 88 7.64 15.36 7.06
C LEU B 88 7.54 14.42 8.26
N TYR B 89 6.90 13.27 8.05
CA TYR B 89 6.68 12.20 9.07
C TYR B 89 8.04 11.65 9.55
N LEU B 90 8.93 11.39 8.60
CA LEU B 90 10.25 10.84 8.88
C LEU B 90 11.12 11.87 9.60
N GLN B 91 11.04 13.14 9.16
CA GLN B 91 11.73 14.25 9.81
C GLN B 91 11.31 14.33 11.28
N LYS B 92 10.03 14.07 11.53
CA LYS B 92 9.44 14.12 12.87
C LYS B 92 9.87 12.93 13.71
N PHE B 93 10.01 11.76 13.08
CA PHE B 93 10.93 10.74 13.57
C PHE B 93 12.26 11.45 13.46
N ARG B 94 13.37 10.78 13.79
CA ARG B 94 14.74 11.32 13.55
C ARG B 94 15.03 12.58 14.38
N GLU B 95 14.01 13.36 14.78
CA GLU B 95 14.21 14.61 15.51
C GLU B 95 14.33 14.34 17.01
N GLN C 17 -2.94 4.78 17.39
CA GLN C 17 -2.89 5.39 16.03
C GLN C 17 -1.45 5.45 15.50
N GLU C 18 -0.93 4.27 15.13
CA GLU C 18 0.39 4.03 14.54
C GLU C 18 0.52 2.50 14.51
N LEU C 19 1.04 1.97 13.39
CA LEU C 19 1.03 0.53 13.05
C LEU C 19 2.20 -0.29 13.61
N PRO C 20 2.22 -1.64 13.42
CA PRO C 20 3.33 -2.48 13.87
C PRO C 20 4.42 -2.63 12.81
N LEU C 21 5.62 -2.13 13.15
CA LEU C 21 6.74 -2.12 12.23
C LEU C 21 7.21 -3.52 11.92
N ALA C 22 7.16 -4.40 12.92
CA ALA C 22 7.65 -5.76 12.77
C ALA C 22 6.93 -6.46 11.62
N ARG C 23 5.60 -6.32 11.59
CA ARG C 23 4.77 -6.94 10.52
C ARG C 23 5.09 -6.30 9.16
N ILE C 24 5.26 -4.98 9.11
CA ILE C 24 5.60 -4.31 7.86
C ILE C 24 6.93 -4.89 7.32
N LYS C 25 7.94 -5.00 8.20
CA LYS C 25 9.22 -5.56 7.83
C LYS C 25 9.13 -7.00 7.29
N LYS C 26 8.28 -7.82 7.92
CA LYS C 26 8.10 -9.20 7.50
C LYS C 26 7.51 -9.27 6.09
N ILE C 27 6.55 -8.37 5.81
CA ILE C 27 5.95 -8.29 4.49
C ILE C 27 7.03 -7.94 3.47
N MET C 28 7.84 -6.91 3.78
CA MET C 28 8.94 -6.53 2.91
C MET C 28 9.83 -7.77 2.59
N LYS C 29 10.16 -8.55 3.63
CA LYS C 29 11.06 -9.70 3.51
C LYS C 29 10.52 -10.87 2.69
N LEU C 30 9.23 -10.87 2.37
CA LEU C 30 8.66 -11.87 1.47
C LEU C 30 9.39 -11.90 0.13
N ASP C 31 9.77 -10.72 -0.37
CA ASP C 31 10.40 -10.57 -1.68
C ASP C 31 11.85 -11.05 -1.64
N GLU C 32 12.17 -12.05 -2.48
CA GLU C 32 13.49 -12.69 -2.45
C GLU C 32 14.63 -11.78 -2.93
N ASP C 33 14.29 -10.70 -3.64
CA ASP C 33 15.28 -9.73 -4.08
C ASP C 33 15.75 -8.78 -2.97
N VAL C 34 14.96 -8.66 -1.90
CA VAL C 34 15.26 -7.77 -0.80
C VAL C 34 16.33 -8.39 0.08
N LYS C 35 17.38 -7.64 0.41
CA LYS C 35 18.43 -8.15 1.27
C LYS C 35 18.34 -7.57 2.67
N MET C 36 18.78 -6.32 2.84
CA MET C 36 18.70 -5.64 4.11
C MET C 36 17.79 -4.43 3.89
N ILE C 37 17.14 -4.00 4.97
CA ILE C 37 16.16 -2.93 4.96
C ILE C 37 16.64 -2.00 6.06
N SER C 38 16.74 -0.70 5.75
CA SER C 38 17.12 0.26 6.75
C SER C 38 16.01 0.36 7.78
N ALA C 39 16.38 0.79 8.99
CA ALA C 39 15.45 0.87 10.10
C ALA C 39 14.22 1.76 9.82
N GLU C 40 14.43 2.87 9.12
CA GLU C 40 13.37 3.84 8.85
C GLU C 40 12.36 3.41 7.81
N ALA C 41 12.69 2.41 7.00
CA ALA C 41 11.87 2.05 5.88
C ALA C 41 10.47 1.60 6.31
N PRO C 42 10.35 0.68 7.30
CA PRO C 42 9.02 0.33 7.81
C PRO C 42 8.23 1.54 8.37
N VAL C 43 8.90 2.48 9.03
CA VAL C 43 8.24 3.68 9.55
C VAL C 43 7.53 4.40 8.43
N LEU C 44 8.23 4.52 7.30
CA LEU C 44 7.67 5.16 6.14
C LEU C 44 6.46 4.41 5.65
N PHE C 45 6.55 3.07 5.64
CA PHE C 45 5.43 2.28 5.20
C PHE C 45 4.25 2.34 6.15
N ALA C 46 4.52 2.52 7.45
CA ALA C 46 3.44 2.67 8.43
C ALA C 46 2.54 3.88 8.09
N LYS C 47 3.16 5.02 7.74
CA LYS C 47 2.42 6.21 7.43
C LYS C 47 1.77 6.04 6.08
N ALA C 48 2.52 5.48 5.13
CA ALA C 48 2.05 5.29 3.76
C ALA C 48 0.81 4.40 3.73
N ALA C 49 0.85 3.33 4.52
CA ALA C 49 -0.27 2.42 4.62
C ALA C 49 -1.52 3.12 5.15
N GLN C 50 -1.37 4.02 6.12
CA GLN C 50 -2.49 4.75 6.67
C GLN C 50 -3.13 5.66 5.60
N ILE C 51 -2.29 6.38 4.86
CA ILE C 51 -2.74 7.22 3.73
C ILE C 51 -3.51 6.38 2.69
N PHE C 52 -2.87 5.28 2.27
CA PHE C 52 -3.40 4.32 1.31
C PHE C 52 -4.74 3.76 1.74
N ILE C 53 -4.82 3.28 2.97
CA ILE C 53 -6.08 2.72 3.47
C ILE C 53 -7.19 3.78 3.48
N THR C 54 -6.83 4.99 3.88
CA THR C 54 -7.79 6.08 3.95
C THR C 54 -8.36 6.32 2.56
N GLU C 55 -7.47 6.44 1.57
CA GLU C 55 -7.88 6.76 0.21
C GLU C 55 -8.66 5.62 -0.45
N LEU C 56 -8.20 4.38 -0.26
CA LEU C 56 -8.90 3.23 -0.81
C LEU C 56 -10.31 3.13 -0.22
N THR C 57 -10.43 3.39 1.08
CA THR C 57 -11.70 3.30 1.79
C THR C 57 -12.69 4.41 1.37
N LEU C 58 -12.20 5.65 1.29
CA LEU C 58 -13.02 6.76 0.81
C LEU C 58 -13.59 6.43 -0.57
N ARG C 59 -12.75 5.88 -1.45
CA ARG C 59 -13.08 5.62 -2.87
C ARG C 59 -14.09 4.48 -2.97
N ALA C 60 -13.96 3.46 -2.11
CA ALA C 60 -14.89 2.35 -2.07
C ALA C 60 -16.26 2.82 -1.63
N TRP C 61 -16.28 3.69 -0.62
CA TRP C 61 -17.51 4.25 -0.09
C TRP C 61 -18.39 4.92 -1.16
N ILE C 62 -17.75 5.53 -2.16
CA ILE C 62 -18.48 6.18 -3.25
C ILE C 62 -19.46 5.18 -3.83
N HIS C 63 -18.93 4.00 -4.18
CA HIS C 63 -19.71 2.94 -4.80
C HIS C 63 -20.74 2.34 -3.84
N THR C 64 -20.36 2.23 -2.56
CA THR C 64 -21.30 1.92 -1.48
C THR C 64 -22.53 2.85 -1.51
N GLU C 65 -22.31 4.17 -1.51
CA GLU C 65 -23.40 5.14 -1.50
C GLU C 65 -24.21 5.13 -2.81
N ASP C 66 -23.50 4.98 -3.93
CA ASP C 66 -24.12 4.92 -5.25
C ASP C 66 -25.12 3.77 -5.30
N ASN C 67 -24.80 2.69 -4.57
CA ASN C 67 -25.64 1.50 -4.45
C ASN C 67 -26.69 1.58 -3.34
N LYS C 68 -26.77 2.73 -2.68
CA LYS C 68 -27.76 3.04 -1.66
C LYS C 68 -27.61 2.23 -0.36
N ARG C 69 -26.38 1.75 -0.09
CA ARG C 69 -26.06 0.94 1.12
C ARG C 69 -25.32 1.81 2.13
N ARG C 70 -25.29 1.39 3.40
CA ARG C 70 -24.51 2.02 4.50
C ARG C 70 -23.45 1.03 4.99
N THR C 71 -23.16 0.00 4.18
CA THR C 71 -22.22 -1.06 4.51
C THR C 71 -21.25 -1.25 3.36
N LEU C 72 -19.97 -1.00 3.66
CA LEU C 72 -18.89 -1.07 2.69
C LEU C 72 -18.61 -2.55 2.45
N GLN C 73 -18.70 -2.96 1.19
CA GLN C 73 -18.58 -4.35 0.78
C GLN C 73 -17.37 -4.53 -0.11
N ARG C 74 -16.85 -5.76 -0.14
CA ARG C 74 -15.67 -6.12 -0.97
C ARG C 74 -15.88 -5.63 -2.41
N ASN C 75 -17.12 -5.78 -2.91
CA ASN C 75 -17.48 -5.41 -4.28
C ASN C 75 -17.19 -3.93 -4.56
N ASP C 76 -17.38 -3.11 -3.52
CA ASP C 76 -17.17 -1.67 -3.57
C ASP C 76 -15.68 -1.30 -3.71
N ILE C 77 -14.83 -2.13 -3.10
CA ILE C 77 -13.39 -1.97 -3.21
C ILE C 77 -12.93 -2.35 -4.61
N ALA C 78 -13.39 -3.51 -5.10
CA ALA C 78 -13.05 -3.96 -6.46
C ALA C 78 -13.41 -2.88 -7.51
N MET C 79 -14.57 -2.24 -7.28
CA MET C 79 -15.13 -1.27 -8.19
C MET C 79 -14.27 -0.01 -8.14
N ALA C 80 -13.93 0.42 -6.93
CA ALA C 80 -13.06 1.58 -6.67
C ALA C 80 -11.69 1.40 -7.32
N ILE C 81 -11.14 0.19 -7.24
CA ILE C 81 -9.87 -0.13 -7.88
C ILE C 81 -9.86 0.10 -9.41
N THR C 82 -10.99 -0.18 -10.09
CA THR C 82 -11.09 0.06 -11.53
C THR C 82 -11.30 1.54 -11.94
N LYS C 83 -11.53 2.42 -10.97
CA LYS C 83 -11.87 3.82 -11.24
C LYS C 83 -10.73 4.78 -11.01
N PHE C 84 -9.59 4.24 -10.56
CA PHE C 84 -8.43 5.06 -10.18
C PHE C 84 -7.16 4.38 -10.67
N ASP C 85 -6.48 5.05 -11.58
CA ASP C 85 -5.31 4.50 -12.24
C ASP C 85 -4.17 4.21 -11.26
N GLN C 86 -4.13 4.95 -10.14
CA GLN C 86 -3.18 4.68 -9.06
C GLN C 86 -3.41 3.29 -8.43
N PHE C 87 -4.62 2.74 -8.57
CA PHE C 87 -4.94 1.43 -8.03
C PHE C 87 -4.82 0.29 -9.03
N ASP C 88 -4.33 0.59 -10.24
CA ASP C 88 -4.14 -0.44 -11.27
C ASP C 88 -3.40 -1.67 -10.72
N PHE C 89 -2.46 -1.44 -9.78
CA PHE C 89 -1.64 -2.52 -9.28
C PHE C 89 -2.44 -3.55 -8.48
N LEU C 90 -3.65 -3.19 -8.07
CA LEU C 90 -4.51 -4.06 -7.25
C LEU C 90 -5.49 -4.90 -8.07
N ILE C 91 -5.62 -4.60 -9.36
CA ILE C 91 -6.64 -5.25 -10.23
C ILE C 91 -6.63 -6.76 -10.05
N ASP C 92 -5.44 -7.35 -10.05
CA ASP C 92 -5.23 -8.78 -9.80
C ASP C 92 -5.59 -9.26 -8.39
N ILE C 93 -5.44 -8.36 -7.41
CA ILE C 93 -5.65 -8.65 -5.99
C ILE C 93 -7.14 -8.70 -5.64
N VAL C 94 -7.94 -7.85 -6.31
CA VAL C 94 -9.37 -7.77 -6.05
C VAL C 94 -10.11 -7.85 -7.38
N PRO C 95 -10.29 -9.08 -7.92
CA PRO C 95 -10.97 -9.27 -9.19
C PRO C 95 -12.39 -8.66 -9.17
N ARG C 96 -12.64 -7.77 -10.19
CA ARG C 96 -13.99 -7.20 -10.45
C ARG C 96 -14.90 -8.34 -10.90
#